data_2OCV
#
_entry.id   2OCV
#
_cell.length_a   136.770
_cell.length_b   47.510
_cell.length_c   43.180
_cell.angle_alpha   90.00
_cell.angle_beta   95.54
_cell.angle_gamma   90.00
#
_symmetry.space_group_name_H-M   'C 1 2 1'
#
loop_
_entity.id
_entity.type
_entity.pdbx_description
1 polymer Thrombin
2 polymer Thrombin
3 branched 2-acetamido-2-deoxy-beta-D-glucopyranose-(1-4)-2-acetamido-2-deoxy-beta-D-glucopyranose
4 non-polymer 2-acetamido-2-deoxy-beta-D-glucopyranose
5 water water
#
loop_
_entity_poly.entity_id
_entity_poly.type
_entity_poly.pdbx_seq_one_letter_code
_entity_poly.pdbx_strand_id
1 'polypeptide(L)' TFFNEKTFGLGEADCGLRPLFEKKSLKDTTEKELLDSYIDGR A
2 'polypeptide(L)'
;IVEGWDAEKGIAPWQVMLFRKSPQELLCGASLISDRWVLTAAHCILYPPWDKNFTENDLLVRIGKHSRTRYERNVEKISM
LEKIYVHPRYNWRENLDRDIALLKLKKPVPFSDYIHPVCLPDKQTVTSLLRAGYKGRVTGWGNLRETWTTNINEIQPSVL
QVVNLPIVERPVCKASTRIRITDNMFCAGFKVNDTKRGDACEGDSGGPFVMKSPFNNRWYQMGIVSWGEGCDRKGKYGFY
THVFRLKAWIQKVIDQFGE
;
B
#
# COMPACT_ATOMS: atom_id res chain seq x y z
N THR A 1 -5.54 21.87 0.81
CA THR A 1 -4.67 21.45 -0.33
C THR A 1 -5.55 20.82 -1.41
N PHE A 2 -5.41 19.52 -1.64
CA PHE A 2 -6.23 18.86 -2.65
C PHE A 2 -7.54 18.41 -2.01
N PHE A 3 -7.48 18.09 -0.72
CA PHE A 3 -8.67 17.65 0.01
C PHE A 3 -9.06 18.68 1.06
N ASN A 4 -10.22 18.46 1.67
CA ASN A 4 -10.71 19.34 2.71
C ASN A 4 -10.46 18.73 4.07
N GLU A 5 -9.72 19.46 4.90
CA GLU A 5 -9.36 19.05 6.25
C GLU A 5 -10.60 18.65 7.06
N LYS A 6 -11.70 19.36 6.81
CA LYS A 6 -12.97 19.12 7.50
C LYS A 6 -13.47 17.68 7.36
N THR A 7 -13.33 17.12 6.17
CA THR A 7 -13.78 15.75 5.91
C THR A 7 -12.64 14.75 5.74
N PHE A 8 -11.47 15.26 5.40
CA PHE A 8 -10.30 14.42 5.19
C PHE A 8 -9.60 14.16 6.54
N GLY A 9 -9.70 15.12 7.45
CA GLY A 9 -9.06 14.99 8.74
C GLY A 9 -7.74 15.76 8.69
N LEU A 10 -6.81 15.41 9.56
CA LEU A 10 -5.52 16.09 9.58
C LEU A 10 -4.46 15.21 8.96
N GLY A 11 -3.38 15.83 8.46
CA GLY A 11 -2.29 15.07 7.89
C GLY A 11 -1.83 15.38 6.48
N GLU A 12 -2.72 15.91 5.64
CA GLU A 12 -2.35 16.19 4.26
C GLU A 12 -1.15 17.11 4.08
N ALA A 13 -1.21 18.29 4.66
CA ALA A 13 -0.14 19.27 4.53
C ALA A 13 1.24 18.72 4.88
N ASP A 14 1.28 17.80 5.82
CA ASP A 14 2.55 17.24 6.27
C ASP A 14 2.77 15.79 5.81
N CYS A 15 1.87 15.29 4.98
CA CYS A 15 1.97 13.90 4.49
C CYS A 15 3.32 13.52 3.92
N GLY A 16 3.67 12.24 4.08
CA GLY A 16 4.91 11.72 3.52
C GLY A 16 6.24 12.17 4.09
N LEU A 17 6.24 12.91 5.20
CA LEU A 17 7.48 13.37 5.81
C LEU A 17 7.60 12.64 7.14
N ARG A 18 8.45 11.62 7.16
CA ARG A 18 8.63 10.80 8.36
C ARG A 18 9.28 11.49 9.55
N PRO A 19 8.61 11.41 10.71
CA PRO A 19 9.07 12.00 11.98
C PRO A 19 10.52 11.64 12.33
N LEU A 20 10.89 10.37 12.19
CA LEU A 20 12.24 9.92 12.53
C LEU A 20 13.25 9.96 11.38
N PHE A 21 12.82 10.48 10.23
CA PHE A 21 13.73 10.54 9.10
C PHE A 21 13.77 11.92 8.49
N GLU A 22 12.88 12.20 7.54
CA GLU A 22 12.86 13.50 6.90
C GLU A 22 12.77 14.61 7.94
N LYS A 23 11.90 14.46 8.94
CA LYS A 23 11.73 15.50 9.97
C LYS A 23 13.02 15.87 10.69
N LYS A 24 13.92 14.91 10.87
CA LYS A 24 15.17 15.18 11.54
C LYS A 24 16.37 15.03 10.60
N SER A 25 16.14 15.21 9.30
CA SER A 25 17.23 15.11 8.33
C SER A 25 17.95 13.78 8.32
N LEU A 26 17.22 12.69 8.51
CA LEU A 26 17.83 11.37 8.50
C LEU A 26 17.26 10.56 7.33
N LYS A 27 18.07 9.69 6.76
CA LYS A 27 17.65 8.85 5.65
C LYS A 27 17.70 7.39 6.07
N ASP A 28 16.76 6.59 5.59
CA ASP A 28 16.77 5.18 5.95
C ASP A 28 17.84 4.47 5.14
N THR A 29 18.07 3.19 5.47
CA THR A 29 19.10 2.36 4.87
C THR A 29 19.03 1.93 3.41
N THR A 30 17.89 2.12 2.75
CA THR A 30 17.81 1.73 1.34
C THR A 30 17.13 2.75 0.45
N GLU A 31 16.76 3.91 0.99
CA GLU A 31 16.12 4.90 0.15
C GLU A 31 17.02 5.38 -0.98
N LYS A 32 18.34 5.28 -0.79
CA LYS A 32 19.24 5.70 -1.85
C LYS A 32 19.08 4.85 -3.10
N GLU A 33 18.79 3.56 -2.92
CA GLU A 33 18.57 2.64 -4.02
C GLU A 33 17.37 3.10 -4.84
N LEU A 34 16.41 3.74 -4.18
CA LEU A 34 15.24 4.23 -4.87
C LEU A 34 15.64 5.46 -5.67
N LEU A 35 16.39 6.35 -5.02
CA LEU A 35 16.85 7.59 -5.64
C LEU A 35 17.70 7.30 -6.87
N ASP A 36 18.59 6.32 -6.77
CA ASP A 36 19.48 5.95 -7.87
C ASP A 36 18.67 5.54 -9.10
N SER A 37 17.62 4.74 -8.90
CA SER A 37 16.79 4.27 -10.00
C SER A 37 16.09 5.42 -10.72
N TYR A 38 15.95 6.57 -10.05
CA TYR A 38 15.27 7.70 -10.69
C TYR A 38 16.22 8.49 -11.59
N ILE A 39 17.49 8.09 -11.60
CA ILE A 39 18.50 8.72 -12.43
C ILE A 39 19.22 7.64 -13.26
N ILE B 1 5.95 -10.62 2.64
CA ILE B 1 7.12 -10.06 1.90
C ILE B 1 8.18 -11.14 1.75
N VAL B 2 8.54 -11.43 0.51
CA VAL B 2 9.54 -12.44 0.20
C VAL B 2 10.84 -11.82 -0.30
N GLU B 3 11.95 -12.25 0.28
CA GLU B 3 13.28 -11.76 -0.08
C GLU B 3 13.41 -10.30 0.32
N GLY B 4 12.70 -9.93 1.38
CA GLY B 4 12.77 -8.58 1.89
C GLY B 4 13.69 -8.54 3.10
N TRP B 5 13.55 -7.50 3.91
CA TRP B 5 14.38 -7.36 5.09
C TRP B 5 13.65 -6.57 6.15
N ASP B 6 14.11 -6.68 7.39
CA ASP B 6 13.47 -6.00 8.49
C ASP B 6 13.43 -4.49 8.35
N ALA B 7 12.32 -3.92 8.80
CA ALA B 7 12.09 -2.49 8.76
C ALA B 7 12.84 -1.82 9.91
N GLU B 8 13.21 -0.55 9.72
CA GLU B 8 13.85 0.23 10.76
C GLU B 8 12.63 0.86 11.43
N LYS B 9 12.78 1.28 12.68
CA LYS B 9 11.66 1.89 13.38
C LYS B 9 11.21 3.21 12.73
N GLY B 10 9.93 3.27 12.37
CA GLY B 10 9.40 4.47 11.77
C GLY B 10 9.69 4.66 10.30
N ILE B 11 10.23 3.64 9.64
CA ILE B 11 10.54 3.73 8.22
C ILE B 11 9.28 3.83 7.33
N ALA B 12 8.14 3.42 7.87
CA ALA B 12 6.87 3.45 7.13
C ALA B 12 5.74 3.65 8.13
N PRO B 13 5.69 4.83 8.75
CA PRO B 13 4.67 5.17 9.75
C PRO B 13 3.23 5.14 9.25
N TRP B 14 3.04 4.91 7.96
CA TRP B 14 1.69 4.85 7.40
C TRP B 14 1.17 3.43 7.27
N GLN B 15 2.01 2.45 7.55
CA GLN B 15 1.62 1.05 7.48
C GLN B 15 0.48 0.74 8.44
N VAL B 16 -0.52 0.00 7.96
CA VAL B 16 -1.67 -0.37 8.76
C VAL B 16 -1.96 -1.87 8.61
N MET B 17 -2.35 -2.52 9.71
CA MET B 17 -2.67 -3.94 9.68
C MET B 17 -4.17 -4.13 9.73
N LEU B 18 -4.72 -4.87 8.77
CA LEU B 18 -6.14 -5.13 8.75
C LEU B 18 -6.37 -6.49 9.38
N PHE B 19 -7.09 -6.52 10.49
CA PHE B 19 -7.37 -7.73 11.25
C PHE B 19 -8.83 -8.12 11.30
N ARG B 20 -9.06 -9.41 11.37
CA ARG B 20 -10.40 -9.96 11.52
C ARG B 20 -10.60 -9.85 13.04
N LYS B 21 -11.63 -9.14 13.48
CA LYS B 21 -11.88 -9.00 14.91
C LYS B 21 -12.06 -10.42 15.42
N SER B 22 -11.37 -10.75 16.51
CA SER B 22 -11.46 -12.10 17.09
C SER B 22 -12.83 -12.74 16.85
N PRO B 23 -12.86 -13.89 16.15
CA PRO B 23 -11.76 -14.67 15.56
C PRO B 23 -10.65 -13.83 14.97
N GLN B 24 -9.65 -13.53 15.80
CA GLN B 24 -8.53 -12.70 15.40
C GLN B 24 -7.67 -13.34 14.32
N GLU B 25 -7.31 -12.53 13.33
CA GLU B 25 -6.50 -12.99 12.21
C GLU B 25 -6.07 -11.83 11.34
N LEU B 26 -4.81 -11.81 10.94
CA LEU B 26 -4.32 -10.75 10.07
C LEU B 26 -4.83 -11.06 8.67
N LEU B 27 -5.56 -10.11 8.08
CA LEU B 27 -6.11 -10.32 6.75
C LEU B 27 -5.35 -9.62 5.64
N CYS B 28 -4.84 -8.44 5.93
CA CYS B 28 -4.17 -7.64 4.90
C CYS B 28 -3.37 -6.46 5.44
N GLY B 29 -2.80 -5.72 4.50
CA GLY B 29 -2.06 -4.51 4.82
C GLY B 29 -2.95 -3.36 4.41
N ALA B 30 -2.55 -2.13 4.73
CA ALA B 30 -3.31 -0.94 4.39
C ALA B 30 -2.43 0.25 4.70
N SER B 31 -2.90 1.45 4.37
CA SER B 31 -2.10 2.63 4.62
C SER B 31 -2.90 3.80 5.19
N LEU B 32 -2.20 4.65 5.94
CA LEU B 32 -2.81 5.82 6.55
C LEU B 32 -2.61 7.02 5.61
N ILE B 33 -3.72 7.60 5.12
CA ILE B 33 -3.58 8.77 4.26
C ILE B 33 -4.02 10.05 4.99
N SER B 34 -4.56 9.87 6.20
CA SER B 34 -4.99 10.96 7.07
C SER B 34 -5.27 10.33 8.43
N ASP B 35 -5.65 11.14 9.43
CA ASP B 35 -5.91 10.61 10.76
C ASP B 35 -7.28 9.94 10.91
N ARG B 36 -8.01 9.81 9.81
CA ARG B 36 -9.31 9.15 9.86
C ARG B 36 -9.60 8.26 8.66
N TRP B 37 -8.77 8.34 7.63
CA TRP B 37 -8.99 7.51 6.45
C TRP B 37 -7.84 6.55 6.19
N VAL B 38 -8.21 5.31 5.93
CA VAL B 38 -7.25 4.25 5.64
C VAL B 38 -7.54 3.64 4.27
N LEU B 39 -6.48 3.45 3.49
CA LEU B 39 -6.57 2.92 2.14
C LEU B 39 -6.15 1.45 2.09
N THR B 40 -6.86 0.65 1.30
CA THR B 40 -6.54 -0.76 1.14
C THR B 40 -7.15 -1.30 -0.16
N ALA B 41 -6.98 -2.60 -0.43
CA ALA B 41 -7.53 -3.21 -1.64
C ALA B 41 -8.96 -3.70 -1.42
N ALA B 42 -9.79 -3.57 -2.44
CA ALA B 42 -11.18 -4.00 -2.35
C ALA B 42 -11.30 -5.50 -2.05
N HIS B 43 -10.43 -6.30 -2.65
CA HIS B 43 -10.49 -7.75 -2.44
C HIS B 43 -10.21 -8.21 -1.00
N CYS B 44 -9.65 -7.33 -0.19
CA CYS B 44 -9.38 -7.65 1.21
C CYS B 44 -10.71 -7.62 1.97
N ILE B 45 -11.63 -6.81 1.47
CA ILE B 45 -12.95 -6.66 2.08
C ILE B 45 -13.96 -7.62 1.46
N LEU B 46 -13.99 -7.63 0.13
CA LEU B 46 -14.95 -8.46 -0.60
C LEU B 46 -14.36 -9.39 -1.67
N TYR B 47 -14.37 -10.67 -1.37
CA TYR B 47 -13.89 -11.69 -2.29
C TYR B 47 -14.55 -13.01 -1.94
N PRO B 48 -15.80 -13.20 -2.40
CA PRO B 48 -16.56 -14.42 -2.14
C PRO B 48 -15.75 -15.70 -2.38
N PRO B 49 -15.00 -15.77 -3.50
CA PRO B 49 -14.20 -16.97 -3.80
C PRO B 49 -13.39 -17.44 -2.59
N TRP B 50 -12.69 -16.51 -1.95
CA TRP B 50 -11.89 -16.82 -0.78
C TRP B 50 -12.76 -16.69 0.47
N ASP B 51 -14.07 -16.57 0.26
CA ASP B 51 -15.00 -16.42 1.37
C ASP B 51 -14.62 -15.17 2.14
N LYS B 52 -14.82 -14.03 1.50
CA LYS B 52 -14.52 -12.75 2.10
C LYS B 52 -15.59 -11.74 1.76
N ASN B 53 -16.15 -11.14 2.79
CA ASN B 53 -17.15 -10.10 2.63
C ASN B 53 -17.48 -9.61 4.03
N PHE B 54 -16.57 -8.81 4.55
CA PHE B 54 -16.68 -8.27 5.89
C PHE B 54 -17.42 -6.95 5.98
N THR B 55 -17.94 -6.68 7.17
CA THR B 55 -18.64 -5.43 7.43
C THR B 55 -17.76 -4.68 8.42
N GLU B 56 -18.13 -3.44 8.71
CA GLU B 56 -17.37 -2.62 9.64
C GLU B 56 -17.17 -3.33 10.97
N ASN B 57 -18.09 -4.22 11.31
CA ASN B 57 -18.05 -4.94 12.57
C ASN B 57 -17.16 -6.17 12.57
N ASP B 58 -16.78 -6.63 11.39
CA ASP B 58 -15.93 -7.81 11.27
C ASP B 58 -14.47 -7.48 11.35
N LEU B 59 -14.11 -6.23 11.06
CA LEU B 59 -12.71 -5.85 11.03
C LEU B 59 -12.16 -4.95 12.11
N LEU B 60 -10.83 -4.83 12.09
CA LEU B 60 -10.11 -4.03 13.06
C LEU B 60 -8.75 -3.66 12.48
N VAL B 61 -8.23 -2.50 12.88
CA VAL B 61 -6.95 -2.05 12.37
C VAL B 61 -5.95 -1.70 13.46
N ARG B 62 -4.69 -2.07 13.24
CA ARG B 62 -3.62 -1.78 14.17
C ARG B 62 -2.68 -0.82 13.44
N ILE B 63 -2.36 0.31 14.08
CA ILE B 63 -1.48 1.31 13.49
C ILE B 63 -0.27 1.57 14.37
N GLY B 64 0.87 1.87 13.72
CA GLY B 64 2.10 2.16 14.44
C GLY B 64 2.85 0.95 14.95
N LYS B 65 2.63 -0.21 14.34
CA LYS B 65 3.32 -1.42 14.77
C LYS B 65 4.64 -1.72 14.05
N HIS B 66 5.71 -1.85 14.82
CA HIS B 66 7.02 -2.16 14.24
C HIS B 66 7.36 -3.62 14.48
N SER B 67 7.15 -4.08 15.71
CA SER B 67 7.42 -5.46 16.08
C SER B 67 6.11 -6.17 16.43
N ARG B 68 6.10 -7.48 16.25
CA ARG B 68 4.91 -8.29 16.55
C ARG B 68 5.07 -8.95 17.91
N VAL B 75 1.38 3.18 22.93
CA VAL B 75 2.30 3.52 21.81
C VAL B 75 1.62 3.21 20.48
N GLU B 76 1.26 1.95 20.23
CA GLU B 76 0.59 1.61 19.00
C GLU B 76 -0.91 1.52 19.29
N LYS B 77 -1.72 1.93 18.33
CA LYS B 77 -3.16 1.95 18.52
C LYS B 77 -3.95 0.92 17.71
N ILE B 78 -5.10 0.56 18.24
CA ILE B 78 -6.03 -0.37 17.61
C ILE B 78 -7.27 0.46 17.38
N SER B 79 -7.77 0.48 16.16
CA SER B 79 -8.95 1.29 15.88
C SER B 79 -10.08 0.52 15.25
N MET B 80 -11.29 0.96 15.58
CA MET B 80 -12.51 0.36 15.07
C MET B 80 -12.86 1.10 13.79
N LEU B 81 -13.63 0.46 12.92
CA LEU B 81 -14.03 1.07 11.67
C LEU B 81 -15.43 1.63 11.71
N GLU B 82 -15.56 2.88 11.27
CA GLU B 82 -16.85 3.55 11.21
C GLU B 82 -17.61 3.02 9.99
N LYS B 83 -16.94 2.99 8.85
CA LYS B 83 -17.55 2.52 7.62
C LYS B 83 -16.53 2.03 6.61
N ILE B 84 -16.97 1.21 5.67
CA ILE B 84 -16.11 0.67 4.62
C ILE B 84 -16.67 1.01 3.25
N TYR B 85 -15.81 1.49 2.36
CA TYR B 85 -16.25 1.86 1.01
C TYR B 85 -15.46 1.19 -0.09
N VAL B 86 -16.08 0.22 -0.74
CA VAL B 86 -15.46 -0.50 -1.84
C VAL B 86 -15.78 0.23 -3.13
N HIS B 87 -14.81 0.37 -4.01
CA HIS B 87 -15.04 1.06 -5.28
C HIS B 87 -16.23 0.45 -5.99
N PRO B 88 -17.16 1.31 -6.47
CA PRO B 88 -18.38 0.89 -7.17
C PRO B 88 -18.20 -0.02 -8.39
N ARG B 89 -17.20 0.25 -9.22
CA ARG B 89 -16.97 -0.57 -10.41
C ARG B 89 -16.00 -1.73 -10.18
N TYR B 90 -15.91 -2.18 -8.93
CA TYR B 90 -15.05 -3.30 -8.59
C TYR B 90 -15.90 -4.57 -8.72
N ASN B 91 -15.49 -5.50 -9.57
CA ASN B 91 -16.24 -6.74 -9.73
C ASN B 91 -15.34 -7.96 -9.61
N TRP B 92 -15.26 -8.52 -8.40
CA TRP B 92 -14.42 -9.69 -8.18
C TRP B 92 -14.71 -10.75 -9.24
N ARG B 93 -15.98 -10.82 -9.66
CA ARG B 93 -16.39 -11.76 -10.69
C ARG B 93 -15.79 -11.31 -12.01
N GLU B 94 -14.47 -11.19 -12.08
CA GLU B 94 -13.87 -10.74 -13.33
C GLU B 94 -12.34 -10.67 -13.44
N ASN B 95 -11.77 -9.55 -13.02
CA ASN B 95 -10.35 -9.29 -13.17
C ASN B 95 -9.58 -8.68 -12.00
N LEU B 96 -10.28 -8.06 -11.06
CA LEU B 96 -9.68 -7.38 -9.91
C LEU B 96 -9.38 -5.93 -10.28
N ASP B 97 -9.99 -5.47 -11.37
CA ASP B 97 -9.82 -4.10 -11.81
C ASP B 97 -10.39 -3.16 -10.75
N ARG B 98 -9.74 -2.03 -10.55
CA ARG B 98 -10.15 -1.04 -9.56
C ARG B 98 -10.17 -1.67 -8.17
N ASP B 99 -9.15 -2.44 -7.85
CA ASP B 99 -9.04 -3.10 -6.56
C ASP B 99 -8.68 -2.06 -5.50
N ILE B 100 -9.68 -1.39 -4.97
CA ILE B 100 -9.44 -0.34 -3.99
C ILE B 100 -10.60 -0.18 -3.02
N ALA B 101 -10.27 0.13 -1.76
CA ALA B 101 -11.26 0.32 -0.72
C ALA B 101 -10.80 1.33 0.32
N LEU B 102 -11.74 2.10 0.83
CA LEU B 102 -11.46 3.09 1.83
C LEU B 102 -12.11 2.71 3.15
N LEU B 103 -11.36 2.88 4.24
CA LEU B 103 -11.86 2.55 5.56
C LEU B 103 -11.89 3.82 6.41
N LYS B 104 -13.04 4.15 6.98
CA LYS B 104 -13.15 5.33 7.82
C LYS B 104 -13.06 4.89 9.27
N LEU B 105 -12.10 5.44 10.00
CA LEU B 105 -11.92 5.08 11.39
C LEU B 105 -13.04 5.68 12.25
N LYS B 106 -13.47 4.93 13.27
CA LYS B 106 -14.53 5.42 14.15
C LYS B 106 -14.11 6.76 14.74
N LYS B 107 -12.87 6.82 15.23
CA LYS B 107 -12.35 8.06 15.79
C LYS B 107 -10.94 8.32 15.23
N PRO B 108 -10.57 9.61 15.10
CA PRO B 108 -9.26 9.98 14.57
C PRO B 108 -8.11 9.36 15.34
N VAL B 109 -7.03 9.02 14.64
CA VAL B 109 -5.87 8.43 15.30
C VAL B 109 -4.80 9.49 15.44
N PRO B 110 -4.37 9.77 16.68
CA PRO B 110 -3.33 10.79 16.84
C PRO B 110 -2.00 10.35 16.24
N PHE B 111 -1.32 11.28 15.56
CA PHE B 111 -0.04 10.97 14.94
C PHE B 111 1.10 10.89 15.95
N SER B 112 2.18 10.22 15.55
CA SER B 112 3.36 10.06 16.40
C SER B 112 4.58 9.77 15.53
N ASP B 113 5.67 9.33 16.15
CA ASP B 113 6.88 9.01 15.40
C ASP B 113 6.66 7.75 14.56
N TYR B 114 5.64 6.96 14.91
CA TYR B 114 5.37 5.72 14.21
C TYR B 114 4.01 5.69 13.53
N ILE B 115 3.31 6.82 13.57
CA ILE B 115 1.98 6.93 12.96
C ILE B 115 1.92 8.29 12.25
N HIS B 116 2.09 8.25 10.93
CA HIS B 116 2.10 9.46 10.10
C HIS B 116 1.58 9.03 8.73
N PRO B 117 0.73 9.86 8.11
CA PRO B 117 0.18 9.54 6.78
C PRO B 117 1.13 9.64 5.59
N VAL B 118 0.82 8.86 4.56
CA VAL B 118 1.60 8.89 3.33
C VAL B 118 0.86 9.88 2.40
N CYS B 119 1.54 10.43 1.40
CA CYS B 119 0.90 11.37 0.48
C CYS B 119 0.26 10.62 -0.67
N LEU B 120 -0.79 11.21 -1.24
CA LEU B 120 -1.44 10.62 -2.41
C LEU B 120 -0.83 11.39 -3.57
N PRO B 121 -0.54 10.71 -4.69
CA PRO B 121 0.05 11.31 -5.88
C PRO B 121 -0.78 12.32 -6.68
N ASP B 122 -0.07 13.24 -7.33
CA ASP B 122 -0.67 14.26 -8.17
C ASP B 122 -0.30 13.90 -9.61
N LYS B 123 -0.85 14.60 -10.60
CA LYS B 123 -0.54 14.30 -11.99
C LYS B 123 0.95 14.33 -12.33
N GLN B 124 1.66 15.36 -11.88
CA GLN B 124 3.08 15.49 -12.18
C GLN B 124 3.95 14.43 -11.51
N THR B 125 3.59 14.04 -10.29
CA THR B 125 4.37 13.03 -9.58
C THR B 125 4.35 11.69 -10.31
N VAL B 126 3.15 11.26 -10.71
CA VAL B 126 3.00 10.00 -11.44
C VAL B 126 3.73 10.06 -12.76
N THR B 127 3.46 11.12 -13.52
CA THR B 127 4.08 11.29 -14.81
C THR B 127 5.59 11.12 -14.79
N SER B 128 6.25 11.72 -13.81
CA SER B 128 7.70 11.62 -13.72
C SER B 128 8.25 10.42 -12.97
N LEU B 129 7.48 9.83 -12.05
CA LEU B 129 7.99 8.72 -11.26
C LEU B 129 7.52 7.31 -11.59
N LEU B 130 6.24 7.16 -11.94
CA LEU B 130 5.72 5.83 -12.26
C LEU B 130 6.22 5.46 -13.65
N ARG B 131 7.51 5.15 -13.75
CA ARG B 131 8.13 4.80 -15.01
C ARG B 131 8.97 3.53 -14.90
N ALA B 132 8.97 2.73 -15.97
CA ALA B 132 9.71 1.46 -16.03
C ALA B 132 11.13 1.62 -15.52
N GLY B 133 11.52 0.73 -14.62
CA GLY B 133 12.86 0.79 -14.07
C GLY B 133 12.93 1.50 -12.74
N TYR B 134 12.06 2.48 -12.53
CA TYR B 134 12.04 3.23 -11.27
C TYR B 134 11.56 2.33 -10.14
N LYS B 135 12.23 2.40 -8.99
CA LYS B 135 11.88 1.56 -7.88
C LYS B 135 10.97 2.17 -6.82
N GLY B 136 10.03 1.36 -6.37
CA GLY B 136 9.12 1.76 -5.32
C GLY B 136 9.37 0.81 -4.17
N ARG B 137 8.74 1.05 -3.04
CA ARG B 137 8.94 0.21 -1.88
C ARG B 137 7.63 -0.39 -1.38
N VAL B 138 7.65 -1.66 -1.01
CA VAL B 138 6.47 -2.33 -0.49
C VAL B 138 6.81 -2.82 0.91
N THR B 139 5.88 -2.64 1.83
CA THR B 139 6.07 -3.09 3.20
C THR B 139 4.88 -3.93 3.62
N GLY B 140 5.09 -4.86 4.52
CA GLY B 140 3.99 -5.70 4.96
C GLY B 140 4.39 -6.80 5.90
N TRP B 141 3.39 -7.45 6.49
CA TRP B 141 3.61 -8.54 7.42
C TRP B 141 3.19 -9.84 6.75
N GLY B 142 3.18 -9.84 5.42
CA GLY B 142 2.80 -11.03 4.67
C GLY B 142 3.76 -12.18 4.94
N ASN B 143 3.44 -13.35 4.43
CA ASN B 143 4.28 -14.54 4.62
C ASN B 143 5.69 -14.32 4.09
N LEU B 144 6.68 -14.64 4.91
CA LEU B 144 8.07 -14.49 4.49
C LEU B 144 8.32 -15.53 3.41
N ARG B 145 7.64 -16.65 3.53
CA ARG B 145 7.75 -17.73 2.56
C ARG B 145 6.44 -17.92 1.81
N GLU B 146 6.54 -18.06 0.49
CA GLU B 146 5.37 -18.25 -0.37
C GLU B 146 4.39 -19.23 0.27
N THR B 147 4.92 -20.08 1.16
CA THR B 147 4.14 -21.07 1.89
C THR B 147 5.00 -21.85 2.86
N ILE B 155 5.80 -19.02 9.29
CA ILE B 155 5.75 -18.53 7.89
C ILE B 155 5.57 -17.01 7.86
N GLN B 156 5.25 -16.41 9.00
CA GLN B 156 5.05 -14.97 9.08
C GLN B 156 6.20 -14.31 9.85
N PRO B 157 6.45 -13.01 9.60
CA PRO B 157 7.52 -12.23 10.23
C PRO B 157 7.17 -11.69 11.62
N SER B 158 8.22 -11.33 12.37
CA SER B 158 8.06 -10.79 13.71
C SER B 158 8.25 -9.28 13.65
N VAL B 159 8.85 -8.81 12.57
CA VAL B 159 9.10 -7.39 12.37
C VAL B 159 8.66 -7.01 10.96
N LEU B 160 8.04 -5.83 10.83
CA LEU B 160 7.59 -5.35 9.52
C LEU B 160 8.72 -5.56 8.49
N GLN B 161 8.36 -6.10 7.33
CA GLN B 161 9.32 -6.37 6.25
C GLN B 161 9.23 -5.31 5.17
N VAL B 162 10.34 -5.06 4.50
CA VAL B 162 10.38 -4.06 3.43
C VAL B 162 11.14 -4.61 2.24
N VAL B 163 10.77 -4.14 1.05
CA VAL B 163 11.42 -4.57 -0.17
C VAL B 163 11.22 -3.47 -1.22
N ASN B 164 12.25 -3.27 -2.05
CA ASN B 164 12.18 -2.26 -3.10
C ASN B 164 12.05 -2.99 -4.44
N LEU B 165 11.05 -2.61 -5.23
CA LEU B 165 10.81 -3.25 -6.51
C LEU B 165 10.77 -2.28 -7.69
N PRO B 166 11.32 -2.70 -8.84
CA PRO B 166 11.34 -1.87 -10.04
C PRO B 166 10.03 -1.99 -10.82
N ILE B 167 9.54 -0.86 -11.29
CA ILE B 167 8.32 -0.82 -12.08
C ILE B 167 8.66 -1.49 -13.40
N VAL B 168 7.77 -2.34 -13.89
CA VAL B 168 7.99 -3.06 -15.13
C VAL B 168 7.26 -2.44 -16.31
N GLU B 169 7.89 -2.50 -17.48
CA GLU B 169 7.33 -1.98 -18.72
C GLU B 169 5.97 -2.63 -18.92
N ARG B 170 4.99 -1.84 -19.33
CA ARG B 170 3.63 -2.36 -19.51
C ARG B 170 3.53 -3.54 -20.49
N PRO B 171 4.26 -3.50 -21.63
CA PRO B 171 4.19 -4.63 -22.55
C PRO B 171 4.69 -5.89 -21.87
N VAL B 172 5.79 -5.73 -21.12
CA VAL B 172 6.39 -6.85 -20.39
C VAL B 172 5.41 -7.40 -19.36
N CYS B 173 4.66 -6.51 -18.70
CA CYS B 173 3.69 -6.96 -17.70
C CYS B 173 2.64 -7.82 -18.37
N LYS B 174 2.02 -7.28 -19.42
CA LYS B 174 0.96 -8.01 -20.12
C LYS B 174 1.41 -9.38 -20.63
N ALA B 175 2.64 -9.47 -21.14
CA ALA B 175 3.17 -10.72 -21.67
C ALA B 175 3.49 -11.76 -20.61
N SER B 176 3.63 -11.31 -19.37
CA SER B 176 3.97 -12.20 -18.26
C SER B 176 2.78 -13.00 -17.74
N THR B 177 1.56 -12.61 -18.12
CA THR B 177 0.37 -13.30 -17.62
C THR B 177 -0.72 -13.41 -18.67
N ARG B 178 -1.71 -14.26 -18.40
CA ARG B 178 -2.84 -14.46 -19.29
C ARG B 178 -3.96 -13.49 -18.93
N ILE B 179 -3.93 -13.01 -17.69
CA ILE B 179 -4.92 -12.09 -17.18
C ILE B 179 -4.86 -10.72 -17.85
N ARG B 180 -6.02 -10.22 -18.26
CA ARG B 180 -6.09 -8.92 -18.89
C ARG B 180 -5.64 -7.88 -17.88
N ILE B 181 -4.69 -7.04 -18.28
CA ILE B 181 -4.17 -5.98 -17.41
C ILE B 181 -4.72 -4.64 -17.88
N THR B 182 -5.49 -4.00 -17.02
CA THR B 182 -6.12 -2.72 -17.34
C THR B 182 -5.22 -1.53 -17.07
N ASP B 183 -5.73 -0.34 -17.36
CA ASP B 183 -4.98 0.87 -17.13
C ASP B 183 -5.01 1.25 -15.65
N ASN B 184 -5.80 0.54 -14.86
CA ASN B 184 -5.88 0.81 -13.43
C ASN B 184 -4.87 -0.02 -12.66
N MET B 185 -3.97 -0.68 -13.39
CA MET B 185 -2.95 -1.50 -12.75
C MET B 185 -1.60 -1.25 -13.38
N PHE B 186 -0.57 -1.72 -12.70
CA PHE B 186 0.81 -1.66 -13.16
C PHE B 186 1.49 -2.80 -12.40
N CYS B 187 2.64 -3.25 -12.88
CA CYS B 187 3.30 -4.34 -12.19
C CYS B 187 4.72 -3.95 -11.81
N ALA B 188 5.30 -4.71 -10.89
CA ALA B 188 6.66 -4.43 -10.45
C ALA B 188 7.29 -5.75 -10.01
N GLY B 189 8.61 -5.80 -10.04
CA GLY B 189 9.33 -6.99 -9.66
C GLY B 189 10.56 -7.08 -10.53
N PHE B 190 11.53 -7.90 -10.15
CA PHE B 190 12.77 -8.03 -10.92
C PHE B 190 12.61 -9.03 -12.06
N LYS B 191 13.46 -8.89 -13.07
CA LYS B 191 13.45 -9.77 -14.23
C LYS B 191 14.12 -11.09 -13.87
N VAL B 192 13.81 -12.11 -14.64
CA VAL B 192 14.36 -13.45 -14.42
C VAL B 192 15.89 -13.39 -14.35
N ASN B 193 16.47 -12.45 -15.09
CA ASN B 193 17.91 -12.30 -15.15
C ASN B 193 18.47 -11.38 -14.07
N ASP B 194 17.60 -10.75 -13.30
CA ASP B 194 18.08 -9.87 -12.24
C ASP B 194 18.59 -10.79 -11.15
N THR B 195 19.73 -10.44 -10.58
CA THR B 195 20.30 -11.25 -9.51
C THR B 195 19.45 -11.08 -8.26
N LYS B 196 18.76 -9.94 -8.18
CA LYS B 196 17.90 -9.64 -7.05
C LYS B 196 16.53 -10.31 -7.21
N ARG B 197 15.92 -10.66 -6.10
CA ARG B 197 14.59 -11.28 -6.08
C ARG B 197 13.76 -10.39 -5.17
N GLY B 198 12.52 -10.78 -4.91
CA GLY B 198 11.69 -9.99 -4.03
C GLY B 198 10.27 -9.83 -4.54
N ASP B 199 9.31 -9.82 -3.62
CA ASP B 199 7.92 -9.67 -3.99
C ASP B 199 7.01 -9.65 -2.78
N ALA B 200 5.79 -9.19 -2.97
CA ALA B 200 4.78 -9.17 -1.91
C ALA B 200 4.12 -10.55 -1.97
N CYS B 201 3.53 -11.00 -0.88
CA CYS B 201 2.92 -12.31 -0.89
C CYS B 201 1.49 -12.27 -0.35
N GLU B 202 1.10 -13.34 0.34
N GLU B 202 1.11 -13.33 0.35
CA GLU B 202 -0.23 -13.43 0.93
CA GLU B 202 -0.22 -13.44 0.94
C GLU B 202 -0.12 -12.73 2.28
C GLU B 202 -0.12 -12.73 2.29
N GLY B 203 -0.98 -11.73 2.51
CA GLY B 203 -0.94 -11.00 3.75
C GLY B 203 -0.42 -9.58 3.50
N ASP B 204 0.26 -9.41 2.36
CA ASP B 204 0.78 -8.10 2.00
C ASP B 204 -0.29 -7.35 1.21
N SER B 205 -1.25 -8.11 0.67
CA SER B 205 -2.36 -7.55 -0.12
C SER B 205 -2.93 -6.35 0.61
N GLY B 206 -3.32 -5.34 -0.17
CA GLY B 206 -3.89 -4.14 0.43
C GLY B 206 -2.82 -3.17 0.89
N GLY B 207 -1.58 -3.65 0.98
CA GLY B 207 -0.47 -2.82 1.42
C GLY B 207 -0.04 -1.75 0.42
N PRO B 208 0.73 -0.74 0.88
CA PRO B 208 1.17 0.32 -0.02
C PRO B 208 2.46 0.13 -0.82
N PHE B 209 2.47 0.67 -2.03
CA PHE B 209 3.66 0.65 -2.90
C PHE B 209 3.99 2.13 -2.92
N VAL B 210 5.07 2.51 -2.27
CA VAL B 210 5.44 3.91 -2.15
C VAL B 210 6.76 4.29 -2.80
N MET B 211 6.82 5.55 -3.25
CA MET B 211 8.01 6.11 -3.88
C MET B 211 8.33 7.41 -3.19
N LYS B 212 9.62 7.72 -3.04
CA LYS B 212 9.99 8.97 -2.41
C LYS B 212 10.34 9.99 -3.49
N SER B 213 9.61 11.09 -3.51
CA SER B 213 9.88 12.13 -4.50
C SER B 213 11.24 12.79 -4.33
N PRO B 214 12.04 12.82 -5.40
CA PRO B 214 13.36 13.45 -5.33
C PRO B 214 13.22 14.98 -5.47
N PHE B 215 11.97 15.44 -5.61
CA PHE B 215 11.70 16.87 -5.76
C PHE B 215 11.31 17.55 -4.46
N ASN B 216 10.51 16.88 -3.63
CA ASN B 216 10.10 17.48 -2.37
C ASN B 216 10.33 16.56 -1.17
N ASN B 217 11.06 15.47 -1.41
CA ASN B 217 11.40 14.47 -0.39
C ASN B 217 10.24 13.84 0.38
N ARG B 218 9.03 13.97 -0.14
CA ARG B 218 7.86 13.36 0.49
C ARG B 218 7.63 11.98 -0.11
N TRP B 219 7.04 11.08 0.67
CA TRP B 219 6.75 9.73 0.21
C TRP B 219 5.30 9.68 -0.32
N TYR B 220 5.12 9.18 -1.54
CA TYR B 220 3.80 9.08 -2.17
C TYR B 220 3.41 7.62 -2.39
N GLN B 221 2.14 7.31 -2.21
CA GLN B 221 1.66 5.95 -2.42
C GLN B 221 1.15 5.83 -3.84
N MET B 222 1.90 5.10 -4.67
CA MET B 222 1.55 4.93 -6.07
C MET B 222 0.65 3.73 -6.32
N GLY B 223 0.81 2.71 -5.49
CA GLY B 223 0.01 1.52 -5.67
C GLY B 223 -0.46 0.82 -4.41
N ILE B 224 -1.34 -0.15 -4.62
CA ILE B 224 -1.89 -0.96 -3.53
C ILE B 224 -1.61 -2.39 -4.00
N VAL B 225 -0.97 -3.21 -3.16
CA VAL B 225 -0.71 -4.59 -3.54
C VAL B 225 -2.06 -5.21 -3.89
N SER B 226 -2.18 -5.71 -5.12
CA SER B 226 -3.43 -6.28 -5.57
C SER B 226 -3.39 -7.80 -5.70
N TRP B 227 -2.57 -8.31 -6.62
CA TRP B 227 -2.47 -9.75 -6.81
C TRP B 227 -1.17 -10.15 -7.47
N GLY B 228 -0.86 -11.44 -7.37
CA GLY B 228 0.35 -11.98 -7.95
C GLY B 228 0.20 -13.49 -8.13
N GLU B 229 0.71 -14.02 -9.23
CA GLU B 229 0.64 -15.46 -9.49
C GLU B 229 1.82 -16.11 -8.79
N GLY B 230 1.56 -16.61 -7.59
CA GLY B 230 2.62 -17.21 -6.80
C GLY B 230 3.44 -16.08 -6.22
N CYS B 231 4.17 -16.35 -5.15
CA CYS B 231 4.99 -15.31 -4.53
C CYS B 231 6.44 -15.43 -4.97
N ASP B 232 6.93 -14.37 -5.60
CA ASP B 232 8.31 -14.30 -6.05
C ASP B 232 8.66 -15.34 -7.12
N ARG B 233 7.70 -15.62 -7.99
CA ARG B 233 7.90 -16.57 -9.09
C ARG B 233 8.63 -15.80 -10.19
N LYS B 234 9.87 -16.17 -10.46
CA LYS B 234 10.63 -15.48 -11.50
C LYS B 234 9.96 -15.59 -12.86
N GLY B 235 9.91 -14.46 -13.58
CA GLY B 235 9.27 -14.42 -14.88
C GLY B 235 7.88 -13.86 -14.69
N LYS B 236 7.44 -13.79 -13.44
CA LYS B 236 6.13 -13.28 -13.08
C LYS B 236 6.31 -12.01 -12.24
N TYR B 237 5.29 -11.15 -12.25
CA TYR B 237 5.37 -9.89 -11.52
C TYR B 237 4.17 -9.61 -10.65
N GLY B 238 4.38 -8.81 -9.61
CA GLY B 238 3.29 -8.44 -8.74
C GLY B 238 2.50 -7.33 -9.41
N PHE B 239 1.19 -7.32 -9.20
CA PHE B 239 0.36 -6.28 -9.79
C PHE B 239 -0.20 -5.39 -8.70
N TYR B 240 -0.29 -4.10 -9.04
CA TYR B 240 -0.76 -3.11 -8.09
C TYR B 240 -1.87 -2.23 -8.66
N THR B 241 -2.67 -1.67 -7.77
CA THR B 241 -3.75 -0.79 -8.17
C THR B 241 -3.11 0.58 -8.43
N HIS B 242 -3.43 1.17 -9.58
CA HIS B 242 -2.90 2.49 -9.93
C HIS B 242 -3.71 3.50 -9.11
N VAL B 243 -3.21 3.84 -7.92
CA VAL B 243 -3.92 4.75 -7.03
C VAL B 243 -4.29 6.11 -7.64
N PHE B 244 -3.39 6.70 -8.41
CA PHE B 244 -3.67 7.99 -9.00
C PHE B 244 -4.88 7.98 -9.92
N ARG B 245 -5.00 6.96 -10.75
CA ARG B 245 -6.13 6.89 -11.67
C ARG B 245 -7.48 6.77 -10.98
N LEU B 246 -7.46 6.48 -9.69
CA LEU B 246 -8.69 6.32 -8.95
C LEU B 246 -8.82 7.38 -7.87
N LYS B 247 -7.97 8.41 -7.97
CA LYS B 247 -7.99 9.48 -6.98
C LYS B 247 -9.28 10.28 -6.99
N ALA B 248 -9.97 10.33 -8.13
CA ALA B 248 -11.22 11.06 -8.23
C ALA B 248 -12.24 10.42 -7.30
N TRP B 249 -12.35 9.10 -7.35
CA TRP B 249 -13.28 8.37 -6.50
C TRP B 249 -12.96 8.60 -5.02
N ILE B 250 -11.68 8.55 -4.68
CA ILE B 250 -11.24 8.76 -3.31
C ILE B 250 -11.79 10.10 -2.84
N GLN B 251 -11.58 11.11 -3.69
CA GLN B 251 -12.04 12.47 -3.45
C GLN B 251 -13.54 12.47 -3.18
N LYS B 252 -14.29 11.77 -4.03
CA LYS B 252 -15.75 11.70 -3.90
C LYS B 252 -16.19 11.14 -2.56
N VAL B 253 -15.66 9.97 -2.22
CA VAL B 253 -16.02 9.32 -0.95
C VAL B 253 -15.69 10.22 0.24
N ILE B 254 -14.47 10.72 0.30
CA ILE B 254 -14.09 11.55 1.42
C ILE B 254 -14.92 12.83 1.57
N ASP B 255 -15.24 13.47 0.46
CA ASP B 255 -16.05 14.68 0.51
C ASP B 255 -17.47 14.33 0.97
N GLN B 256 -17.98 13.22 0.45
CA GLN B 256 -19.32 12.77 0.76
C GLN B 256 -19.55 12.12 2.12
N PHE B 257 -18.63 11.28 2.55
CA PHE B 257 -18.81 10.59 3.84
C PHE B 257 -17.82 10.98 4.93
N GLY B 258 -16.89 11.88 4.63
CA GLY B 258 -15.91 12.27 5.63
C GLY B 258 -16.48 12.98 6.84
#